data_8J5F
#
_entry.id   8J5F
#
_cell.length_a   71.970
_cell.length_b   78.986
_cell.length_c   83.332
_cell.angle_alpha   90.000
_cell.angle_beta   90.000
_cell.angle_gamma   90.000
#
_symmetry.space_group_name_H-M   'C 2 2 21'
#
loop_
_entity.id
_entity.type
_entity.pdbx_description
1 polymer 'Deoxyadenosine/deoxycytidine kinase'
2 non-polymer 4-AMINO-1-BETA-D-RIBOFURANOSYL-2(1H)-PYRIMIDINONE
3 non-polymer "ADENOSINE-5'-DIPHOSPHATE"
4 water water
#
_entity_poly.entity_id   1
_entity_poly.type   'polypeptide(L)'
_entity_poly.pdbx_seq_one_letter_code
;STSDRLKAVEQNLYDVGPRDSGGREGPGHYIAISGNTAAGKTTLIETLAGSLRAAGADAVGVSERVFHHRYLKLMFSASA
DFAFPIQLSFMLERHLLLLDNLVRRGRTMVMERSHLDDAMFVREHVASGAITAAQQRAYTEVSGELNARIPNPDLIVLMN
PEPELSLERLARAEAEGSRPREFPSDAAKRAWVHRWYDLYQELHDDYRRRAVDGDLRGTELLELDAAASPEEKIATVTAR
ARSLVVG
;
_entity_poly.pdbx_strand_id   A
#
loop_
_chem_comp.id
_chem_comp.type
_chem_comp.name
_chem_comp.formula
ADP non-polymer ADENOSINE-5'-DIPHOSPHATE 'C10 H15 N5 O10 P2'
CTN non-polymer 4-AMINO-1-BETA-D-RIBOFURANOSYL-2(1H)-PYRIMIDINONE 'C9 H13 N3 O5'
#
# COMPACT_ATOMS: atom_id res chain seq x y z
N GLU A 10 -16.99 10.42 -3.57
CA GLU A 10 -16.26 11.65 -3.26
C GLU A 10 -15.06 11.81 -4.20
N GLN A 11 -14.30 10.72 -4.40
CA GLN A 11 -13.11 10.78 -5.23
C GLN A 11 -13.29 10.15 -6.61
N ASN A 12 -14.47 9.61 -6.90
CA ASN A 12 -14.78 9.08 -8.24
C ASN A 12 -13.77 8.02 -8.67
N LEU A 13 -13.50 7.07 -7.77
CA LEU A 13 -12.45 6.08 -8.02
C LEU A 13 -12.84 5.08 -9.10
N TYR A 14 -14.13 4.81 -9.27
CA TYR A 14 -14.55 3.72 -10.17
C TYR A 14 -15.36 4.23 -11.37
N ASP A 15 -14.84 5.25 -12.04
CA ASP A 15 -15.48 5.84 -13.22
C ASP A 15 -15.04 5.08 -14.46
N VAL A 16 -15.99 4.55 -15.24
CA VAL A 16 -15.64 3.87 -16.48
C VAL A 16 -15.75 4.81 -17.68
N GLY A 17 -16.00 6.10 -17.43
CA GLY A 17 -16.11 7.07 -18.49
C GLY A 17 -14.77 7.49 -19.06
N PRO A 18 -14.79 8.43 -20.01
CA PRO A 18 -13.57 8.80 -20.73
C PRO A 18 -12.61 9.63 -19.89
N ARG A 19 -11.34 9.56 -20.27
CA ARG A 19 -10.29 10.36 -19.66
C ARG A 19 -10.60 11.86 -19.80
N ASP A 20 -10.20 12.64 -18.79
CA ASP A 20 -10.40 14.09 -18.80
C ASP A 20 -9.22 14.73 -18.06
N SER A 21 -8.10 14.88 -18.78
CA SER A 21 -6.86 15.43 -18.21
C SER A 21 -6.41 16.70 -18.94
N GLY A 22 -7.32 17.36 -19.64
CA GLY A 22 -6.91 18.53 -20.41
C GLY A 22 -5.95 18.13 -21.50
N GLY A 23 -4.85 18.87 -21.60
CA GLY A 23 -3.84 18.55 -22.59
C GLY A 23 -2.71 17.68 -22.08
N ARG A 24 -2.75 17.27 -20.82
CA ARG A 24 -1.65 16.50 -20.26
C ARG A 24 -1.81 15.03 -20.64
N GLU A 25 -0.71 14.42 -21.08
CA GLU A 25 -0.72 13.03 -21.50
C GLU A 25 -0.01 12.16 -20.47
N GLY A 26 -0.27 10.85 -20.57
CA GLY A 26 0.44 9.87 -19.78
C GLY A 26 -0.16 9.64 -18.41
N PRO A 27 0.44 8.76 -17.65
CA PRO A 27 -0.06 8.50 -16.29
C PRO A 27 0.15 9.71 -15.40
N GLY A 28 -0.62 9.78 -14.33
CA GLY A 28 -0.34 10.73 -13.26
C GLY A 28 0.90 10.30 -12.50
N HIS A 29 1.13 10.96 -11.36
CA HIS A 29 2.26 10.59 -10.51
C HIS A 29 1.76 9.79 -9.31
N TYR A 30 2.69 9.03 -8.72
CA TYR A 30 2.36 7.86 -7.91
C TYR A 30 3.17 7.95 -6.61
N ILE A 31 2.48 8.22 -5.49
CA ILE A 31 3.10 8.27 -4.16
C ILE A 31 2.60 7.07 -3.37
N ALA A 32 3.52 6.31 -2.80
CA ALA A 32 3.16 5.12 -2.02
C ALA A 32 3.73 5.23 -0.62
N ILE A 33 2.91 4.90 0.38
CA ILE A 33 3.30 4.91 1.79
C ILE A 33 3.44 3.46 2.22
N SER A 34 4.65 3.04 2.56
CA SER A 34 4.99 1.62 2.68
C SER A 34 5.49 1.29 4.09
N GLY A 35 4.81 0.37 4.76
CA GLY A 35 5.23 -0.02 6.09
C GLY A 35 4.14 -0.84 6.75
N ASN A 36 4.49 -1.43 7.89
CA ASN A 36 3.59 -2.35 8.57
C ASN A 36 2.34 -1.63 9.12
N THR A 37 1.35 -2.44 9.48
CA THR A 37 0.06 -1.97 9.94
C THR A 37 0.19 -1.05 11.16
N ALA A 38 -0.73 -0.06 11.22
CA ALA A 38 -0.83 0.90 12.33
C ALA A 38 0.41 1.80 12.43
N ALA A 39 0.94 2.20 11.27
CA ALA A 39 2.04 3.13 11.20
C ALA A 39 1.59 4.59 11.18
N GLY A 40 0.34 4.84 10.83
CA GLY A 40 -0.17 6.16 10.58
C GLY A 40 -0.39 6.49 9.10
N LYS A 41 -0.45 5.48 8.23
CA LYS A 41 -0.50 5.74 6.79
C LYS A 41 -1.83 6.36 6.39
N THR A 42 -2.96 5.79 6.82
CA THR A 42 -4.28 6.33 6.47
C THR A 42 -4.39 7.80 6.81
N THR A 43 -4.02 8.13 8.05
CA THR A 43 -4.03 9.51 8.52
C THR A 43 -3.29 10.43 7.55
N LEU A 44 -2.10 10.00 7.12
CA LEU A 44 -1.26 10.81 6.25
C LEU A 44 -1.85 10.90 4.84
N ILE A 45 -2.37 9.77 4.34
CA ILE A 45 -2.85 9.70 2.96
C ILE A 45 -4.03 10.65 2.73
N GLU A 46 -4.99 10.67 3.66
CA GLU A 46 -6.17 11.54 3.49
C GLU A 46 -5.75 13.00 3.40
N THR A 47 -4.86 13.43 4.29
CA THR A 47 -4.43 14.83 4.28
C THR A 47 -3.63 15.16 3.02
N LEU A 48 -2.68 14.28 2.66
CA LEU A 48 -1.84 14.54 1.50
C LEU A 48 -2.66 14.66 0.22
N ALA A 49 -3.63 13.77 0.02
CA ALA A 49 -4.43 13.85 -1.21
C ALA A 49 -5.16 15.18 -1.30
N GLY A 50 -5.73 15.65 -0.19
CA GLY A 50 -6.40 16.95 -0.18
C GLY A 50 -5.45 18.11 -0.44
N SER A 51 -4.23 18.02 0.09
N SER A 51 -4.23 18.01 0.08
CA SER A 51 -3.25 19.07 -0.14
CA SER A 51 -3.26 19.09 -0.14
C SER A 51 -2.84 19.14 -1.61
C SER A 51 -2.82 19.14 -1.60
N LEU A 52 -2.71 17.98 -2.25
CA LEU A 52 -2.34 17.97 -3.66
C LEU A 52 -3.47 18.48 -4.53
N ARG A 53 -4.72 18.17 -4.18
CA ARG A 53 -5.85 18.74 -4.90
C ARG A 53 -5.88 20.26 -4.76
N ALA A 54 -5.60 20.76 -3.55
CA ALA A 54 -5.54 22.21 -3.34
C ALA A 54 -4.47 22.86 -4.21
N ALA A 55 -3.38 22.15 -4.48
CA ALA A 55 -2.31 22.66 -5.34
C ALA A 55 -2.67 22.59 -6.83
N GLY A 56 -3.78 21.97 -7.20
CA GLY A 56 -4.21 21.91 -8.58
C GLY A 56 -4.10 20.55 -9.23
N ALA A 57 -3.68 19.53 -8.50
CA ALA A 57 -3.54 18.19 -9.07
C ALA A 57 -4.85 17.43 -8.97
N ASP A 58 -5.11 16.60 -9.99
CA ASP A 58 -6.22 15.65 -9.94
C ASP A 58 -5.72 14.43 -9.17
N ALA A 59 -5.69 14.58 -7.85
CA ALA A 59 -5.10 13.59 -6.95
C ALA A 59 -6.17 12.89 -6.15
N VAL A 60 -5.92 11.62 -5.82
CA VAL A 60 -6.78 10.83 -4.96
C VAL A 60 -5.92 10.08 -3.94
N GLY A 61 -6.49 9.85 -2.76
CA GLY A 61 -5.87 9.01 -1.74
C GLY A 61 -6.64 7.71 -1.58
N VAL A 62 -5.93 6.59 -1.64
CA VAL A 62 -6.54 5.25 -1.64
C VAL A 62 -5.97 4.45 -0.48
N SER A 63 -6.81 4.17 0.52
CA SER A 63 -6.49 3.19 1.56
C SER A 63 -7.01 1.81 1.15
N GLU A 64 -6.35 0.75 1.65
CA GLU A 64 -6.73 -0.60 1.23
C GLU A 64 -8.14 -0.95 1.68
N ARG A 65 -8.62 -0.33 2.74
CA ARG A 65 -9.97 -0.63 3.24
C ARG A 65 -11.03 -0.34 2.19
N VAL A 66 -10.71 0.52 1.21
CA VAL A 66 -11.58 0.77 0.05
C VAL A 66 -11.88 -0.51 -0.69
N PHE A 67 -10.91 -1.44 -0.76
CA PHE A 67 -11.09 -2.63 -1.57
C PHE A 67 -10.89 -3.92 -0.79
N HIS A 68 -10.87 -3.87 0.55
CA HIS A 68 -10.86 -5.09 1.35
C HIS A 68 -11.94 -6.05 0.89
N HIS A 69 -11.58 -7.33 0.79
CA HIS A 69 -12.59 -8.32 0.44
C HIS A 69 -13.52 -8.61 1.63
N ARG A 70 -14.78 -8.90 1.31
CA ARG A 70 -15.74 -9.32 2.33
C ARG A 70 -15.26 -10.55 3.10
N TYR A 71 -14.44 -11.38 2.49
CA TYR A 71 -13.94 -12.58 3.14
C TYR A 71 -12.59 -12.38 3.84
N LEU A 72 -12.14 -11.13 4.03
CA LEU A 72 -10.82 -10.87 4.61
C LEU A 72 -10.52 -11.72 5.84
N LYS A 73 -11.45 -11.79 6.80
CA LYS A 73 -11.15 -12.44 8.07
C LYS A 73 -10.82 -13.92 7.93
N LEU A 74 -11.30 -14.57 6.87
CA LEU A 74 -11.00 -15.98 6.67
C LEU A 74 -9.53 -16.20 6.29
N MET A 75 -8.87 -15.17 5.74
CA MET A 75 -7.43 -15.31 5.54
C MET A 75 -6.71 -15.54 6.86
N PHE A 76 -7.21 -14.96 7.94
CA PHE A 76 -6.53 -15.07 9.22
C PHE A 76 -7.10 -16.17 10.11
N SER A 77 -8.33 -16.63 9.86
CA SER A 77 -8.89 -17.72 10.65
C SER A 77 -8.78 -19.08 9.99
N ALA A 78 -8.60 -19.11 8.66
CA ALA A 78 -8.47 -20.35 7.90
C ALA A 78 -7.44 -20.15 6.78
N SER A 79 -6.19 -19.86 7.17
CA SER A 79 -5.21 -19.33 6.22
C SER A 79 -4.83 -20.33 5.13
N ALA A 80 -4.76 -21.63 5.43
CA ALA A 80 -4.36 -22.58 4.41
C ALA A 80 -5.43 -22.74 3.31
N ASP A 81 -6.64 -22.24 3.57
CA ASP A 81 -7.71 -22.25 2.58
C ASP A 81 -7.90 -20.90 1.90
N PHE A 82 -7.80 -19.78 2.63
CA PHE A 82 -8.17 -18.49 2.05
C PHE A 82 -7.01 -17.52 1.84
N ALA A 83 -5.81 -17.80 2.36
CA ALA A 83 -4.70 -16.84 2.14
C ALA A 83 -4.40 -16.65 0.66
N PHE A 84 -4.36 -17.74 -0.12
CA PHE A 84 -4.04 -17.61 -1.54
C PHE A 84 -5.06 -16.76 -2.27
N PRO A 85 -6.37 -17.05 -2.23
CA PRO A 85 -7.29 -16.20 -3.02
C PRO A 85 -7.45 -14.80 -2.44
N ILE A 86 -7.34 -14.61 -1.13
CA ILE A 86 -7.43 -13.24 -0.61
C ILE A 86 -6.20 -12.43 -0.99
N GLN A 87 -5.02 -13.06 -1.04
CA GLN A 87 -3.85 -12.34 -1.55
C GLN A 87 -4.01 -12.00 -3.03
N LEU A 88 -4.59 -12.91 -3.81
CA LEU A 88 -4.88 -12.56 -5.20
C LEU A 88 -5.83 -11.36 -5.25
N SER A 89 -6.79 -11.29 -4.33
CA SER A 89 -7.74 -10.17 -4.30
C SER A 89 -7.03 -8.84 -4.04
N PHE A 90 -6.17 -8.79 -3.01
CA PHE A 90 -5.44 -7.55 -2.74
C PHE A 90 -4.69 -7.06 -3.99
N MET A 91 -3.86 -7.96 -4.57
CA MET A 91 -3.16 -7.67 -5.82
C MET A 91 -4.08 -7.11 -6.90
N LEU A 92 -5.14 -7.86 -7.20
CA LEU A 92 -5.97 -7.58 -8.36
C LEU A 92 -6.75 -6.27 -8.18
N GLU A 93 -7.33 -6.06 -7.00
CA GLU A 93 -8.10 -4.84 -6.77
C GLU A 93 -7.19 -3.61 -6.77
N ARG A 94 -6.01 -3.73 -6.16
CA ARG A 94 -5.03 -2.64 -6.25
C ARG A 94 -4.66 -2.36 -7.70
N HIS A 95 -4.37 -3.43 -8.46
CA HIS A 95 -3.98 -3.25 -9.86
C HIS A 95 -5.04 -2.48 -10.65
N LEU A 96 -6.30 -2.88 -10.50
CA LEU A 96 -7.39 -2.27 -11.27
C LEU A 96 -7.53 -0.79 -10.95
N LEU A 97 -7.45 -0.44 -9.65
CA LEU A 97 -7.51 0.97 -9.26
C LEU A 97 -6.37 1.77 -9.89
N LEU A 98 -5.16 1.19 -9.90
CA LEU A 98 -4.03 1.90 -10.51
C LEU A 98 -4.20 1.98 -12.02
N LEU A 99 -4.56 0.87 -12.65
CA LEU A 99 -4.70 0.86 -14.11
C LEU A 99 -5.71 1.90 -14.58
N ASP A 100 -6.83 2.03 -13.86
CA ASP A 100 -7.85 3.01 -14.24
C ASP A 100 -7.45 4.44 -13.82
N ASN A 101 -7.20 4.65 -12.52
CA ASN A 101 -7.02 6.01 -12.04
C ASN A 101 -5.69 6.61 -12.47
N LEU A 102 -4.59 5.89 -12.21
CA LEU A 102 -3.26 6.42 -12.48
C LEU A 102 -2.94 6.42 -13.98
N VAL A 103 -3.17 5.29 -14.65
CA VAL A 103 -2.73 5.15 -16.04
C VAL A 103 -3.80 5.67 -17.00
N ARG A 104 -4.96 5.01 -17.04
CA ARG A 104 -5.99 5.37 -18.02
C ARG A 104 -6.44 6.82 -17.87
N ARG A 105 -6.71 7.25 -16.63
CA ARG A 105 -7.28 8.57 -16.41
C ARG A 105 -6.25 9.63 -16.04
N GLY A 106 -4.99 9.25 -15.90
CA GLY A 106 -3.92 10.22 -15.67
C GLY A 106 -3.94 10.90 -14.32
N ARG A 107 -4.66 10.34 -13.35
CA ARG A 107 -4.77 10.97 -12.05
C ARG A 107 -3.55 10.66 -11.19
N THR A 108 -3.33 11.51 -10.20
CA THR A 108 -2.22 11.34 -9.28
C THR A 108 -2.69 10.55 -8.07
N MET A 109 -1.92 9.54 -7.68
CA MET A 109 -2.33 8.56 -6.68
C MET A 109 -1.47 8.69 -5.44
N VAL A 110 -2.12 8.73 -4.26
CA VAL A 110 -1.47 8.57 -2.96
C VAL A 110 -2.04 7.29 -2.37
N MET A 111 -1.21 6.25 -2.27
CA MET A 111 -1.74 4.93 -1.93
C MET A 111 -1.12 4.35 -0.68
N GLU A 112 -1.95 3.62 0.08
CA GLU A 112 -1.47 2.74 1.14
C GLU A 112 -0.76 1.55 0.51
N ARG A 113 0.58 1.50 0.66
CA ARG A 113 1.46 0.51 0.05
C ARG A 113 1.58 0.77 -1.45
N SER A 114 2.57 0.18 -2.10
CA SER A 114 2.63 0.13 -3.56
C SER A 114 2.24 -1.26 -4.03
N HIS A 115 2.10 -1.40 -5.35
CA HIS A 115 1.90 -2.74 -5.90
C HIS A 115 3.14 -3.62 -5.73
N LEU A 116 4.27 -3.06 -5.33
CA LEU A 116 5.44 -3.89 -5.09
C LEU A 116 5.44 -4.50 -3.69
N ASP A 117 4.59 -4.01 -2.77
CA ASP A 117 4.58 -4.51 -1.40
C ASP A 117 3.86 -5.85 -1.27
N ASP A 118 2.90 -6.15 -2.17
CA ASP A 118 2.00 -7.29 -1.92
C ASP A 118 2.75 -8.61 -1.90
N ALA A 119 3.84 -8.73 -2.67
CA ALA A 119 4.56 -10.01 -2.75
C ALA A 119 5.10 -10.44 -1.40
N MET A 120 5.41 -9.49 -0.51
CA MET A 120 5.91 -9.80 0.82
C MET A 120 4.86 -10.48 1.67
N PHE A 121 3.59 -10.13 1.45
CA PHE A 121 2.52 -10.77 2.20
C PHE A 121 2.30 -12.20 1.75
N VAL A 122 2.51 -12.48 0.47
CA VAL A 122 2.50 -13.88 0.02
C VAL A 122 3.70 -14.62 0.61
N ARG A 123 4.86 -13.98 0.67
CA ARG A 123 6.04 -14.64 1.25
C ARG A 123 5.80 -15.06 2.70
N GLU A 124 5.05 -14.24 3.46
CA GLU A 124 4.75 -14.61 4.85
C GLU A 124 3.95 -15.91 4.90
N HIS A 125 2.91 -16.02 4.08
CA HIS A 125 2.08 -17.22 4.07
C HIS A 125 2.83 -18.43 3.52
N VAL A 126 3.76 -18.21 2.58
CA VAL A 126 4.56 -19.32 2.08
C VAL A 126 5.49 -19.84 3.17
N ALA A 127 6.09 -18.93 3.93
CA ALA A 127 6.98 -19.33 5.02
C ALA A 127 6.23 -20.10 6.09
N SER A 128 4.99 -19.68 6.39
CA SER A 128 4.23 -20.38 7.42
C SER A 128 3.67 -21.73 6.94
N GLY A 129 3.50 -21.91 5.63
CA GLY A 129 2.85 -23.08 5.07
C GLY A 129 1.41 -22.86 4.63
N ALA A 130 0.86 -21.67 4.85
CA ALA A 130 -0.54 -21.43 4.49
C ALA A 130 -0.72 -21.34 2.98
N ILE A 131 0.30 -20.90 2.25
CA ILE A 131 0.28 -20.90 0.79
C ILE A 131 1.38 -21.84 0.30
N THR A 132 1.05 -22.71 -0.65
CA THR A 132 2.03 -23.66 -1.16
C THR A 132 3.01 -22.98 -2.12
N ALA A 133 4.15 -23.66 -2.36
CA ALA A 133 5.11 -23.13 -3.32
C ALA A 133 4.51 -23.06 -4.71
N ALA A 134 3.69 -24.04 -5.09
CA ALA A 134 3.04 -24.01 -6.40
C ALA A 134 2.05 -22.86 -6.50
N GLN A 135 1.28 -22.63 -5.43
CA GLN A 135 0.39 -21.48 -5.40
C GLN A 135 1.18 -20.18 -5.54
N GLN A 136 2.31 -20.06 -4.84
CA GLN A 136 3.09 -18.83 -4.93
C GLN A 136 3.61 -18.64 -6.35
N ARG A 137 4.04 -19.72 -7.00
CA ARG A 137 4.54 -19.59 -8.37
C ARG A 137 3.44 -19.07 -9.30
N ALA A 138 2.22 -19.57 -9.14
CA ALA A 138 1.10 -19.09 -9.96
C ALA A 138 0.83 -17.61 -9.68
N TYR A 139 0.79 -17.23 -8.40
CA TYR A 139 0.66 -15.83 -8.01
C TYR A 139 1.71 -14.96 -8.71
N THR A 140 2.97 -15.41 -8.66
CA THR A 140 4.06 -14.58 -9.20
C THR A 140 3.94 -14.40 -10.71
N GLU A 141 3.49 -15.44 -11.43
N GLU A 141 3.47 -15.41 -11.42
CA GLU A 141 3.29 -15.30 -12.87
CA GLU A 141 3.33 -15.27 -12.87
C GLU A 141 2.28 -14.21 -13.19
C GLU A 141 2.26 -14.23 -13.22
N VAL A 142 1.13 -14.24 -12.49
CA VAL A 142 0.12 -13.21 -12.70
C VAL A 142 0.65 -11.85 -12.25
N SER A 143 1.26 -11.80 -11.07
CA SER A 143 1.81 -10.56 -10.54
C SER A 143 2.77 -9.90 -11.54
N GLY A 144 3.62 -10.69 -12.18
CA GLY A 144 4.57 -10.12 -13.15
C GLY A 144 3.88 -9.50 -14.35
N GLU A 145 2.84 -10.18 -14.86
CA GLU A 145 2.10 -9.63 -15.99
C GLU A 145 1.34 -8.36 -15.60
N LEU A 146 0.74 -8.35 -14.41
CA LEU A 146 0.01 -7.17 -13.97
C LEU A 146 0.95 -5.99 -13.73
N ASN A 147 2.04 -6.24 -13.01
CA ASN A 147 2.94 -5.16 -12.63
C ASN A 147 3.61 -4.54 -13.85
N ALA A 148 3.76 -5.32 -14.93
CA ALA A 148 4.37 -4.77 -16.14
C ALA A 148 3.54 -3.67 -16.77
N ARG A 149 2.27 -3.54 -16.40
CA ARG A 149 1.38 -2.53 -16.98
C ARG A 149 1.23 -1.31 -16.08
N ILE A 150 1.90 -1.28 -14.93
CA ILE A 150 1.77 -0.21 -13.95
C ILE A 150 3.12 0.47 -13.80
N PRO A 151 3.18 1.80 -13.87
CA PRO A 151 4.47 2.47 -13.63
C PRO A 151 4.93 2.27 -12.20
N ASN A 152 6.26 2.28 -12.04
CA ASN A 152 6.83 2.27 -10.70
C ASN A 152 6.28 3.44 -9.89
N PRO A 153 6.16 3.31 -8.58
CA PRO A 153 5.89 4.50 -7.76
C PRO A 153 6.98 5.52 -8.01
N ASP A 154 6.60 6.79 -7.95
CA ASP A 154 7.55 7.89 -8.12
C ASP A 154 8.18 8.33 -6.82
N LEU A 155 7.46 8.16 -5.72
CA LEU A 155 7.94 8.48 -4.37
C LEU A 155 7.45 7.38 -3.45
N ILE A 156 8.37 6.67 -2.79
CA ILE A 156 8.01 5.67 -1.80
C ILE A 156 8.41 6.20 -0.44
N VAL A 157 7.44 6.32 0.46
CA VAL A 157 7.71 6.72 1.84
C VAL A 157 7.88 5.45 2.66
N LEU A 158 9.06 5.29 3.27
CA LEU A 158 9.39 4.09 4.03
C LEU A 158 9.13 4.41 5.49
N MET A 159 8.08 3.82 6.05
CA MET A 159 7.60 4.13 7.40
C MET A 159 7.21 2.82 8.10
N ASN A 160 8.18 2.12 8.66
CA ASN A 160 7.89 0.82 9.26
C ASN A 160 7.87 0.92 10.79
N PRO A 161 6.72 0.76 11.43
CA PRO A 161 6.64 0.85 12.90
C PRO A 161 7.19 -0.39 13.59
N GLU A 162 7.73 -0.18 14.79
CA GLU A 162 8.09 -1.30 15.64
C GLU A 162 6.83 -2.08 16.04
N PRO A 163 6.97 -3.39 16.27
CA PRO A 163 5.77 -4.21 16.54
C PRO A 163 4.95 -3.76 17.74
N GLU A 164 5.58 -3.40 18.86
CA GLU A 164 4.78 -3.01 20.02
C GLU A 164 4.08 -1.67 19.79
N LEU A 165 4.63 -0.81 18.92
CA LEU A 165 3.92 0.42 18.57
C LEU A 165 2.67 0.11 17.76
N SER A 166 2.80 -0.73 16.72
CA SER A 166 1.63 -1.17 15.97
C SER A 166 0.58 -1.78 16.90
N LEU A 167 1.00 -2.65 17.81
CA LEU A 167 0.01 -3.39 18.61
C LEU A 167 -0.67 -2.49 19.63
N GLU A 168 0.07 -1.52 20.19
CA GLU A 168 -0.53 -0.52 21.08
C GLU A 168 -1.66 0.22 20.37
N ARG A 169 -1.37 0.74 19.16
CA ARG A 169 -2.36 1.48 18.41
C ARG A 169 -3.54 0.61 18.01
N LEU A 170 -3.28 -0.64 17.61
CA LEU A 170 -4.35 -1.53 17.20
C LEU A 170 -5.27 -1.87 18.38
N ALA A 171 -4.66 -2.14 19.53
CA ALA A 171 -5.46 -2.51 20.70
C ALA A 171 -6.39 -1.38 21.10
N ARG A 172 -5.90 -0.13 21.07
CA ARG A 172 -6.74 1.00 21.43
C ARG A 172 -7.90 1.16 20.45
N ALA A 173 -7.61 1.04 19.15
CA ALA A 173 -8.67 1.21 18.16
C ALA A 173 -9.71 0.10 18.26
N GLU A 174 -9.27 -1.15 18.44
CA GLU A 174 -10.21 -2.25 18.58
C GLU A 174 -11.06 -2.08 19.84
N ALA A 175 -10.44 -1.67 20.94
CA ALA A 175 -11.15 -1.49 22.20
C ALA A 175 -12.21 -0.39 22.10
N GLU A 176 -11.93 0.67 21.35
CA GLU A 176 -12.87 1.77 21.20
C GLU A 176 -13.86 1.54 20.06
N GLY A 177 -13.76 0.39 19.36
CA GLY A 177 -14.67 0.12 18.27
C GLY A 177 -14.40 0.90 17.01
N SER A 178 -13.27 1.61 16.91
CA SER A 178 -13.00 2.41 15.71
C SER A 178 -12.36 1.58 14.60
N ARG A 179 -11.98 0.32 14.88
CA ARG A 179 -11.61 -0.60 13.81
C ARG A 179 -12.07 -1.99 14.19
N PRO A 180 -12.43 -2.82 13.22
CA PRO A 180 -12.85 -4.18 13.54
C PRO A 180 -11.69 -5.07 13.96
N ARG A 181 -12.00 -6.04 14.82
CA ARG A 181 -11.08 -7.12 15.16
C ARG A 181 -11.01 -8.11 14.01
N GLU A 182 -9.84 -8.22 13.38
CA GLU A 182 -9.68 -9.03 12.19
C GLU A 182 -9.08 -10.41 12.44
N PHE A 183 -8.50 -10.66 13.61
CA PHE A 183 -7.76 -11.87 13.83
C PHE A 183 -8.51 -12.85 14.74
N PRO A 184 -8.25 -14.16 14.64
CA PRO A 184 -9.00 -15.13 15.45
C PRO A 184 -8.60 -15.16 16.92
N SER A 185 -7.52 -14.49 17.31
CA SER A 185 -7.06 -14.47 18.69
C SER A 185 -6.10 -13.30 18.86
N ASP A 186 -5.91 -12.90 20.12
CA ASP A 186 -4.93 -11.85 20.41
C ASP A 186 -3.54 -12.27 19.94
N ALA A 187 -3.19 -13.55 20.14
CA ALA A 187 -1.87 -14.02 19.76
C ALA A 187 -1.69 -14.03 18.26
N ALA A 188 -2.73 -14.41 17.51
CA ALA A 188 -2.62 -14.41 16.06
C ALA A 188 -2.34 -13.00 15.54
N LYS A 189 -3.04 -12.00 16.09
CA LYS A 189 -2.75 -10.61 15.76
C LYS A 189 -1.31 -10.26 16.08
N ARG A 190 -0.84 -10.61 17.29
CA ARG A 190 0.52 -10.26 17.67
C ARG A 190 1.53 -10.94 16.75
N ALA A 191 1.29 -12.21 16.42
CA ALA A 191 2.27 -12.97 15.66
C ALA A 191 2.37 -12.47 14.22
N TRP A 192 1.21 -12.24 13.56
CA TRP A 192 1.27 -11.70 12.21
C TRP A 192 1.96 -10.34 12.18
N VAL A 193 1.65 -9.47 13.14
CA VAL A 193 2.30 -8.16 13.17
C VAL A 193 3.82 -8.31 13.26
N HIS A 194 4.29 -9.26 14.06
CA HIS A 194 5.73 -9.45 14.23
C HIS A 194 6.37 -10.03 12.96
N ARG A 195 5.75 -11.05 12.36
CA ARG A 195 6.31 -11.62 11.14
C ARG A 195 6.32 -10.61 10.01
N TRP A 196 5.25 -9.81 9.90
CA TRP A 196 5.23 -8.75 8.88
C TRP A 196 6.32 -7.70 9.14
N TYR A 197 6.52 -7.35 10.40
CA TYR A 197 7.55 -6.36 10.72
C TYR A 197 8.92 -6.82 10.22
N ASP A 198 9.30 -8.06 10.52
CA ASP A 198 10.59 -8.58 10.07
C ASP A 198 10.67 -8.58 8.54
N LEU A 199 9.59 -8.98 7.86
CA LEU A 199 9.64 -9.01 6.39
C LEU A 199 9.71 -7.60 5.82
N TYR A 200 9.04 -6.63 6.46
CA TYR A 200 9.11 -5.25 6.00
C TYR A 200 10.51 -4.66 6.18
N GLN A 201 11.21 -5.02 7.25
CA GLN A 201 12.58 -4.53 7.38
C GLN A 201 13.42 -4.98 6.20
N GLU A 202 13.25 -6.26 5.80
CA GLU A 202 13.97 -6.79 4.64
C GLU A 202 13.49 -6.15 3.34
N LEU A 203 12.17 -6.03 3.17
CA LEU A 203 11.63 -5.41 1.95
C LEU A 203 12.18 -4.01 1.75
N HIS A 204 12.22 -3.23 2.82
CA HIS A 204 12.71 -1.86 2.70
C HIS A 204 14.20 -1.84 2.41
N ASP A 205 14.98 -2.76 2.99
CA ASP A 205 16.38 -2.82 2.60
C ASP A 205 16.52 -3.20 1.14
N ASP A 206 15.65 -4.07 0.64
CA ASP A 206 15.67 -4.38 -0.80
C ASP A 206 15.29 -3.17 -1.64
N TYR A 207 14.28 -2.39 -1.20
CA TYR A 207 13.91 -1.18 -1.94
C TYR A 207 15.07 -0.20 -2.01
N ARG A 208 15.81 -0.03 -0.91
CA ARG A 208 16.93 0.90 -0.92
C ARG A 208 17.98 0.51 -1.95
N ARG A 209 18.22 -0.79 -2.10
CA ARG A 209 19.16 -1.27 -3.11
C ARG A 209 18.53 -1.20 -4.51
N ARG A 210 17.24 -1.51 -4.60
CA ARG A 210 16.52 -1.48 -5.88
C ARG A 210 16.56 -0.10 -6.52
N ALA A 211 16.49 0.94 -5.69
CA ALA A 211 16.41 2.31 -6.22
C ALA A 211 17.74 2.78 -6.78
N VAL A 212 18.83 2.10 -6.44
CA VAL A 212 20.18 2.46 -6.88
C VAL A 212 20.68 1.53 -7.99
N ASP A 213 20.58 0.22 -7.78
CA ASP A 213 21.14 -0.79 -8.67
C ASP A 213 20.09 -1.65 -9.35
N GLY A 214 18.81 -1.39 -9.12
CA GLY A 214 17.77 -2.27 -9.63
C GLY A 214 16.78 -1.52 -10.50
N ASP A 215 15.55 -2.01 -10.54
CA ASP A 215 14.57 -1.49 -11.48
C ASP A 215 13.78 -0.29 -10.95
N LEU A 216 14.14 0.22 -9.77
CA LEU A 216 13.51 1.41 -9.22
C LEU A 216 14.37 2.65 -9.42
N ARG A 217 15.41 2.59 -10.24
CA ARG A 217 16.08 3.81 -10.62
C ARG A 217 15.07 4.74 -11.26
N GLY A 218 15.13 6.00 -10.87
CA GLY A 218 14.12 6.98 -11.25
C GLY A 218 13.08 7.24 -10.19
N THR A 219 13.01 6.40 -9.15
CA THR A 219 12.10 6.54 -8.03
C THR A 219 12.81 7.16 -6.83
N GLU A 220 12.13 8.10 -6.17
CA GLU A 220 12.62 8.72 -4.94
C GLU A 220 12.15 7.94 -3.72
N LEU A 221 13.06 7.75 -2.75
CA LEU A 221 12.73 7.16 -1.46
C LEU A 221 12.81 8.23 -0.37
N LEU A 222 11.91 8.13 0.61
CA LEU A 222 11.87 9.07 1.72
C LEU A 222 11.68 8.29 3.02
N GLU A 223 12.63 8.41 3.94
CA GLU A 223 12.53 7.75 5.23
C GLU A 223 11.67 8.55 6.19
N LEU A 224 10.83 7.84 6.95
CA LEU A 224 9.95 8.52 7.90
C LEU A 224 9.77 7.63 9.13
N ASP A 225 9.98 8.19 10.32
CA ASP A 225 9.86 7.45 11.58
C ASP A 225 8.38 7.32 11.93
N ALA A 226 7.92 6.08 12.12
CA ALA A 226 6.52 5.83 12.40
C ALA A 226 6.07 6.42 13.74
N ALA A 227 7.00 6.72 14.63
CA ALA A 227 6.70 7.31 15.92
C ALA A 227 6.60 8.83 15.88
N ALA A 228 6.88 9.45 14.73
CA ALA A 228 6.75 10.90 14.63
C ALA A 228 5.29 11.31 14.75
N SER A 229 5.08 12.57 15.14
CA SER A 229 3.73 13.09 15.24
C SER A 229 3.10 13.14 13.85
N PRO A 230 1.78 13.03 13.76
CA PRO A 230 1.14 13.14 12.44
C PRO A 230 1.48 14.44 11.74
N GLU A 231 1.61 15.54 12.48
CA GLU A 231 1.88 16.80 11.80
C GLU A 231 3.31 16.84 11.28
N GLU A 232 4.25 16.22 11.98
CA GLU A 232 5.60 16.11 11.43
C GLU A 232 5.60 15.24 10.19
N LYS A 233 4.86 14.13 10.20
CA LYS A 233 4.82 13.27 9.02
C LYS A 233 4.28 14.01 7.81
N ILE A 234 3.18 14.75 7.97
CA ILE A 234 2.63 15.41 6.78
C ILE A 234 3.56 16.51 6.30
N ALA A 235 4.23 17.21 7.22
CA ALA A 235 5.18 18.24 6.79
C ALA A 235 6.32 17.63 5.99
N THR A 236 6.86 16.50 6.49
CA THR A 236 8.01 15.86 5.86
C THR A 236 7.66 15.31 4.48
N VAL A 237 6.49 14.68 4.35
CA VAL A 237 6.11 14.09 3.07
C VAL A 237 5.69 15.18 2.09
N THR A 238 4.98 16.20 2.58
CA THR A 238 4.58 17.28 1.69
C THR A 238 5.80 17.96 1.07
N ALA A 239 6.90 18.09 1.83
CA ALA A 239 8.07 18.78 1.28
C ALA A 239 8.63 18.09 0.04
N ARG A 240 8.38 16.79 -0.14
CA ARG A 240 8.80 16.09 -1.35
C ARG A 240 7.65 15.90 -2.33
N ALA A 241 6.42 15.73 -1.83
CA ALA A 241 5.29 15.50 -2.72
C ALA A 241 4.89 16.76 -3.49
N ARG A 242 5.10 17.94 -2.91
CA ARG A 242 4.69 19.18 -3.58
C ARG A 242 5.40 19.32 -4.93
N SER A 243 6.59 18.73 -5.07
CA SER A 243 7.34 18.82 -6.31
C SER A 243 6.73 18.01 -7.43
N LEU A 244 5.80 17.11 -7.13
CA LEU A 244 5.26 16.20 -8.12
C LEU A 244 3.94 16.66 -8.70
N VAL A 245 3.45 17.85 -8.30
CA VAL A 245 2.14 18.34 -8.73
C VAL A 245 2.15 18.68 -10.22
N VAL A 246 1.17 18.16 -10.97
CA VAL A 246 0.89 18.59 -12.33
C VAL A 246 -0.60 18.89 -12.44
N GLY A 247 -0.93 19.88 -13.27
CA GLY A 247 -2.32 20.25 -13.46
C GLY A 247 -3.00 19.41 -14.53
O5' CTN B . -6.57 -4.63 8.04
C5' CTN B . -6.06 -5.10 6.79
C4' CTN B . -4.95 -6.11 7.00
O4' CTN B . -4.55 -6.68 5.74
C1' CTN B . -3.16 -6.93 5.78
N1 CTN B . -2.68 -7.09 4.41
C6 CTN B . -2.46 -6.07 3.57
C5 CTN B . -2.00 -6.15 2.17
C4 CTN B . -1.79 -7.49 1.66
N3 CTN B . -2.08 -8.54 2.66
C2 CTN B . -2.53 -8.11 3.97
O2 CTN B . -2.76 -9.22 4.76
N4 CTN B . -1.35 -7.82 0.32
C2' CTN B . -2.60 -5.74 6.57
O2' CTN B . -1.31 -6.03 7.07
C3' CTN B . -3.67 -5.56 7.66
O3' CTN B . -3.34 -6.36 8.79
PB ADP C . -2.06 2.49 9.07
O1B ADP C . -2.81 2.99 7.90
O2B ADP C . -0.63 2.54 8.83
O3B ADP C . -2.40 1.06 9.24
PA ADP C . -3.64 4.33 10.68
O1A ADP C . -3.41 5.67 10.13
O2A ADP C . -4.91 3.87 10.11
O3A ADP C . -2.36 3.35 10.41
O5' ADP C . -3.66 4.33 12.31
C5' ADP C . -4.10 3.18 12.97
C4' ADP C . -4.46 3.58 14.36
O4' ADP C . -3.30 4.18 14.99
C3' ADP C . -5.52 4.63 14.35
O3' ADP C . -6.41 4.38 15.46
C2' ADP C . -4.79 5.91 14.53
O2' ADP C . -5.62 6.90 15.13
C1' ADP C . -3.60 5.56 15.38
N9 ADP C . -2.47 6.39 15.12
C8 ADP C . -2.05 6.67 13.90
N7 ADP C . -0.96 7.47 13.92
C5 ADP C . -0.72 7.68 15.36
C6 ADP C . 0.20 8.37 16.09
N6 ADP C . 1.26 9.14 15.44
N1 ADP C . 0.15 8.35 17.41
C2 ADP C . -0.83 7.64 17.98
N3 ADP C . -1.80 6.91 17.39
C4 ADP C . -1.72 6.96 16.07
#